data_4D0A
#
_entry.id   4D0A
#
_cell.length_a   81.500
_cell.length_b   103.300
_cell.length_c   200.000
_cell.angle_alpha   90.00
_cell.angle_beta   90.00
_cell.angle_gamma   90.00
#
_symmetry.space_group_name_H-M   'P 21 21 2'
#
_entity_poly.entity_id   1
_entity_poly.type   'polypeptide(L)'
_entity_poly.pdbx_seq_one_letter_code
;MELMMAIGYLGLALVLGSLVAKIAEKLKIPDIPLLLLLGLIIGPFLQIIPSDSAMEIFEYAGPIGLIFILLGGAFTMRIS
LLKRVIKTVVRLDTITFLITLLISGFIFNMVLNLPYTSPVGYLFGAITAATDPATLIPVFSRVRTNPEVAITLEAESIFN
DPLGIVSTSVILGLFGLFSSSNPLIDLITLAGGAIVVGLLLAKIYEKIIIHCDFHEYVAPLVLGGAMLLLYVGDDLLPSI
CGYGFSGYMAVAIMGLYLGDALFRADDIDYKYIVSFCDDLSLLARVFIFVFLGACIKLSMLENYFIPGLLVALGSIFLAR
PLGVFLGLIGSKHSFKEKLYFALEGPRGVVPAALAVTVGIEILKNADKIPASITKYITPTDIAGTIIIGTFMTILLSVIL
EASWAGMLALKLLGEYKPKYKEESHH
;
_entity_poly.pdbx_strand_id   B
#
# COMPACT_ATOMS: atom_id res chain seq x y z
N MET A 1 19.73 -21.39 -3.84
CA MET A 1 19.43 -20.46 -2.77
C MET A 1 20.72 -19.87 -2.19
N GLU A 2 21.84 -20.20 -2.84
CA GLU A 2 23.18 -19.77 -2.42
C GLU A 2 23.20 -18.35 -1.82
N LEU A 3 23.63 -18.27 -0.56
CA LEU A 3 23.59 -17.05 0.22
C LEU A 3 24.43 -15.92 -0.39
N MET A 4 25.63 -16.26 -0.83
CA MET A 4 26.57 -15.28 -1.35
C MET A 4 25.95 -14.53 -2.54
N MET A 5 25.16 -15.25 -3.33
CA MET A 5 24.45 -14.63 -4.45
C MET A 5 23.42 -13.65 -3.92
N ALA A 6 22.74 -14.02 -2.85
CA ALA A 6 21.67 -13.19 -2.31
C ALA A 6 22.23 -11.88 -1.79
N ILE A 7 23.28 -11.97 -0.99
CA ILE A 7 23.93 -10.79 -0.45
C ILE A 7 24.65 -9.99 -1.53
N GLY A 8 25.05 -10.67 -2.61
CA GLY A 8 25.69 -10.00 -3.73
C GLY A 8 24.73 -9.15 -4.53
N TYR A 9 23.59 -9.75 -4.87
CA TYR A 9 22.55 -9.05 -5.63
C TYR A 9 22.00 -7.91 -4.78
N LEU A 10 21.79 -8.21 -3.50
CA LEU A 10 21.31 -7.21 -2.55
C LEU A 10 22.33 -6.09 -2.43
N GLY A 11 23.60 -6.44 -2.52
CA GLY A 11 24.67 -5.46 -2.45
C GLY A 11 24.64 -4.54 -3.65
N LEU A 12 24.46 -5.13 -4.84
CA LEU A 12 24.39 -4.34 -6.06
C LEU A 12 23.19 -3.40 -6.02
N ALA A 13 22.09 -3.89 -5.45
CA ALA A 13 20.87 -3.10 -5.30
C ALA A 13 21.11 -1.90 -4.40
N LEU A 14 21.84 -2.11 -3.30
CA LEU A 14 22.13 -1.03 -2.36
C LEU A 14 23.10 -0.02 -2.97
N VAL A 15 24.15 -0.51 -3.60
CA VAL A 15 25.17 0.38 -4.17
C VAL A 15 24.60 1.24 -5.28
N LEU A 16 23.98 0.60 -6.27
CA LEU A 16 23.43 1.34 -7.39
C LEU A 16 22.23 2.18 -6.96
N GLY A 17 21.36 1.60 -6.14
CA GLY A 17 20.16 2.26 -5.67
C GLY A 17 20.39 3.50 -4.82
N SER A 18 21.38 3.43 -3.94
CA SER A 18 21.71 4.57 -3.10
C SER A 18 22.21 5.73 -3.95
N LEU A 19 23.10 5.41 -4.90
CA LEU A 19 23.65 6.39 -5.82
C LEU A 19 22.53 7.04 -6.65
N VAL A 20 21.64 6.23 -7.18
CA VAL A 20 20.53 6.73 -7.99
C VAL A 20 19.59 7.61 -7.17
N ALA A 21 19.32 7.20 -5.93
CA ALA A 21 18.47 7.96 -5.03
C ALA A 21 19.09 9.32 -4.70
N LYS A 22 20.39 9.32 -4.50
CA LYS A 22 21.11 10.56 -4.19
C LYS A 22 21.09 11.48 -5.40
N ILE A 23 21.29 10.91 -6.58
CA ILE A 23 21.25 11.67 -7.83
C ILE A 23 19.88 12.31 -7.98
N ALA A 24 18.86 11.55 -7.63
CA ALA A 24 17.48 12.03 -7.66
C ALA A 24 17.29 13.19 -6.69
N GLU A 25 17.85 13.08 -5.50
CA GLU A 25 17.77 14.16 -4.51
C GLU A 25 18.44 15.43 -5.03
N LYS A 26 19.55 15.23 -5.75
CA LYS A 26 20.25 16.35 -6.37
C LYS A 26 19.70 16.58 -7.78
N LEU A 27 18.57 15.96 -8.08
CA LEU A 27 17.94 16.09 -9.39
C LEU A 27 16.47 16.46 -9.27
N LYS A 28 15.94 16.40 -8.05
CA LYS A 28 14.54 16.76 -7.79
C LYS A 28 13.56 15.65 -8.16
N ILE A 29 13.78 15.02 -9.32
CA ILE A 29 12.92 13.94 -9.79
C ILE A 29 12.60 12.96 -8.67
N PRO A 30 11.41 12.37 -8.71
CA PRO A 30 10.99 11.41 -7.69
C PRO A 30 11.45 9.98 -7.97
N ASP A 31 12.00 9.36 -6.94
CA ASP A 31 12.46 7.97 -6.92
C ASP A 31 11.74 6.98 -7.84
N ILE A 32 10.41 6.86 -7.66
CA ILE A 32 9.63 5.74 -8.20
C ILE A 32 9.87 5.37 -9.68
N PRO A 33 9.78 6.34 -10.61
CA PRO A 33 10.02 5.93 -11.99
C PRO A 33 11.44 5.39 -12.19
N LEU A 34 12.40 5.98 -11.50
CA LEU A 34 13.79 5.53 -11.59
C LEU A 34 13.93 4.11 -11.02
N LEU A 35 13.17 3.84 -9.95
CA LEU A 35 13.18 2.52 -9.33
C LEU A 35 12.63 1.48 -10.30
N LEU A 36 11.54 1.84 -10.98
CA LEU A 36 10.94 0.96 -11.97
C LEU A 36 11.86 0.72 -13.16
N LEU A 37 12.51 1.78 -13.65
CA LEU A 37 13.45 1.66 -14.75
C LEU A 37 14.61 0.73 -14.37
N LEU A 38 15.13 0.89 -13.16
CA LEU A 38 16.18 0.00 -12.67
C LEU A 38 15.68 -1.44 -12.62
N GLY A 39 14.41 -1.59 -12.20
CA GLY A 39 13.79 -2.90 -12.13
C GLY A 39 13.73 -3.55 -13.50
N LEU A 40 13.45 -2.75 -14.52
CA LEU A 40 13.47 -3.25 -15.89
C LEU A 40 14.86 -3.62 -16.35
N ILE A 41 15.84 -2.77 -16.04
CA ILE A 41 17.21 -3.00 -16.49
C ILE A 41 17.77 -4.29 -15.90
N ILE A 42 17.60 -4.49 -14.60
CA ILE A 42 18.08 -5.72 -13.97
C ILE A 42 17.04 -6.83 -14.11
N GLY A 43 15.89 -6.49 -14.67
CA GLY A 43 14.82 -7.46 -14.88
C GLY A 43 14.87 -8.07 -16.26
N PRO A 44 13.88 -7.72 -17.10
CA PRO A 44 13.78 -8.28 -18.47
C PRO A 44 14.98 -7.93 -19.36
N PHE A 45 15.44 -6.69 -19.27
CA PHE A 45 16.43 -6.16 -20.21
C PHE A 45 17.80 -6.85 -20.15
N LEU A 46 18.32 -7.08 -18.94
CA LEU A 46 19.64 -7.68 -18.79
C LEU A 46 19.52 -9.13 -18.34
N GLN A 47 18.32 -9.52 -17.93
CA GLN A 47 18.06 -10.87 -17.47
C GLN A 47 18.92 -11.22 -16.26
N ILE A 48 18.75 -10.44 -15.19
CA ILE A 48 19.50 -10.66 -13.96
C ILE A 48 18.68 -11.44 -12.94
N ILE A 49 17.37 -11.54 -13.19
CA ILE A 49 16.47 -12.25 -12.29
C ILE A 49 15.21 -12.70 -13.03
N PRO A 50 14.73 -13.98 -12.69
CA PRO A 50 13.51 -14.35 -13.42
C PRO A 50 12.26 -14.17 -12.57
N SER A 51 11.13 -14.67 -13.06
CA SER A 51 9.87 -14.55 -12.34
C SER A 51 9.82 -15.50 -11.16
N ASP A 52 9.93 -16.80 -11.43
CA ASP A 52 9.91 -17.81 -10.38
C ASP A 52 10.85 -17.45 -9.24
N SER A 53 12.08 -17.09 -9.59
CA SER A 53 13.08 -16.72 -8.60
C SER A 53 12.69 -15.44 -7.88
N ALA A 54 12.21 -14.46 -8.62
CA ALA A 54 11.83 -13.17 -8.03
C ALA A 54 10.68 -13.33 -7.04
N MET A 55 9.69 -14.13 -7.41
CA MET A 55 8.56 -14.42 -6.54
C MET A 55 9.01 -15.23 -5.32
N GLU A 56 9.93 -16.16 -5.53
CA GLU A 56 10.46 -16.99 -4.46
C GLU A 56 11.20 -16.17 -3.41
N ILE A 57 12.00 -15.21 -3.87
CA ILE A 57 12.69 -14.29 -2.97
C ILE A 57 11.67 -13.41 -2.26
N PHE A 58 10.69 -12.95 -3.03
CA PHE A 58 9.68 -12.01 -2.52
C PHE A 58 8.80 -12.62 -1.44
N GLU A 59 8.58 -13.92 -1.49
CA GLU A 59 7.76 -14.59 -0.48
C GLU A 59 8.36 -14.39 0.93
N TYR A 60 9.69 -14.48 1.00
CA TYR A 60 10.42 -14.25 2.24
C TYR A 60 10.64 -12.77 2.53
N ALA A 61 11.18 -12.05 1.55
CA ALA A 61 11.64 -10.68 1.73
C ALA A 61 10.50 -9.67 1.90
N GLY A 62 9.40 -9.89 1.19
CA GLY A 62 8.30 -8.93 1.16
C GLY A 62 7.69 -8.53 2.49
N PRO A 63 7.38 -9.51 3.36
CA PRO A 63 6.91 -9.15 4.70
C PRO A 63 7.92 -8.33 5.50
N ILE A 64 9.20 -8.66 5.35
CA ILE A 64 10.26 -7.88 5.99
C ILE A 64 10.30 -6.47 5.40
N GLY A 65 10.22 -6.38 4.08
CA GLY A 65 10.24 -5.08 3.41
C GLY A 65 9.02 -4.25 3.76
N LEU A 66 7.88 -4.91 3.84
CA LEU A 66 6.62 -4.22 4.14
C LEU A 66 6.57 -3.67 5.56
N ILE A 67 7.20 -4.37 6.49
CA ILE A 67 7.24 -3.91 7.88
C ILE A 67 8.08 -2.63 7.96
N PHE A 68 9.10 -2.53 7.11
CA PHE A 68 10.02 -1.40 7.09
C PHE A 68 9.31 -0.09 6.71
N ILE A 69 8.62 -0.07 5.63
CA ILE A 69 8.00 1.13 5.05
C ILE A 69 6.77 1.57 5.84
N LEU A 70 6.04 0.61 6.39
CA LEU A 70 4.90 0.91 7.27
C LEU A 70 5.37 1.61 8.54
N LEU A 71 6.47 1.15 9.10
CA LEU A 71 7.08 1.73 10.28
C LEU A 71 7.69 3.09 9.94
N GLY A 72 8.35 3.15 8.79
CA GLY A 72 8.99 4.38 8.35
C GLY A 72 7.97 5.46 8.05
N GLY A 73 6.87 5.06 7.42
CA GLY A 73 5.80 5.97 7.08
C GLY A 73 5.10 6.56 8.29
N ALA A 74 4.95 5.74 9.33
CA ALA A 74 4.28 6.19 10.55
C ALA A 74 5.08 7.27 11.28
N PHE A 75 6.37 7.00 11.47
CA PHE A 75 7.26 7.87 12.24
C PHE A 75 7.60 9.20 11.55
N THR A 76 7.58 9.20 10.22
CA THR A 76 7.89 10.39 9.44
C THR A 76 6.83 11.47 9.66
N MET A 77 5.73 11.10 10.32
CA MET A 77 4.65 12.03 10.59
C MET A 77 4.17 11.91 12.03
N ARG A 78 2.90 12.23 12.25
CA ARG A 78 2.31 12.16 13.58
C ARG A 78 0.82 11.87 13.52
N ILE A 79 0.10 12.25 14.57
CA ILE A 79 -1.34 12.04 14.63
C ILE A 79 -2.06 13.29 15.15
N SER A 80 -2.52 13.22 16.39
CA SER A 80 -3.23 14.35 17.01
C SER A 80 -3.58 15.44 15.99
N LEU A 81 -2.69 15.21 15.75
CA LEU A 81 -2.84 16.32 14.80
C LEU A 81 -4.03 16.24 13.82
N LEU A 82 -4.34 15.04 13.37
CA LEU A 82 -5.23 14.79 12.24
C LEU A 82 -6.70 15.26 12.36
N LYS A 83 -7.17 15.40 13.60
CA LYS A 83 -8.60 15.54 13.89
C LYS A 83 -9.35 16.74 13.26
N ARG A 84 -8.89 18.22 12.05
CA ARG A 84 -9.60 19.46 11.71
C ARG A 84 -10.29 19.45 10.33
N VAL A 85 -9.65 18.89 9.32
CA VAL A 85 -10.25 18.74 8.00
C VAL A 85 -10.88 17.35 7.96
N ILE A 86 -10.86 16.74 9.13
CA ILE A 86 -11.05 15.32 9.36
C ILE A 86 -12.42 14.77 8.92
N LYS A 87 -13.48 15.60 8.99
CA LYS A 87 -14.80 15.15 8.56
C LYS A 87 -14.79 14.76 7.08
N THR A 88 -14.19 15.64 6.29
CA THR A 88 -14.03 15.42 4.86
C THR A 88 -13.14 14.21 4.68
N VAL A 89 -12.08 14.12 5.48
CA VAL A 89 -11.12 13.04 5.32
C VAL A 89 -11.74 11.67 5.54
N VAL A 90 -12.54 11.52 6.60
CA VAL A 90 -13.15 10.22 6.88
C VAL A 90 -14.27 9.89 5.89
N ARG A 91 -15.12 10.86 5.55
CA ARG A 91 -16.20 10.57 4.62
C ARG A 91 -15.67 10.24 3.23
N LEU A 92 -14.74 11.05 2.76
CA LEU A 92 -14.11 10.84 1.46
C LEU A 92 -13.30 9.55 1.44
N ASP A 93 -12.50 9.32 2.47
CA ASP A 93 -11.63 8.15 2.44
C ASP A 93 -12.44 6.87 2.47
N THR A 94 -13.43 6.80 3.34
CA THR A 94 -14.16 5.55 3.53
C THR A 94 -15.18 5.38 2.42
N ILE A 95 -16.14 6.29 2.36
CA ILE A 95 -17.22 6.15 1.39
C ILE A 95 -16.67 6.17 -0.04
N THR A 96 -15.77 7.09 -0.38
CA THR A 96 -15.26 7.08 -1.76
C THR A 96 -14.43 5.81 -2.02
N PHE A 97 -13.73 5.30 -1.00
CA PHE A 97 -12.98 4.04 -1.19
C PHE A 97 -13.92 2.90 -1.59
N LEU A 98 -15.00 2.68 -0.85
CA LEU A 98 -15.84 1.53 -1.20
C LEU A 98 -16.41 1.65 -2.62
N ILE A 99 -16.83 2.87 -2.96
CA ILE A 99 -17.42 3.14 -4.27
C ILE A 99 -16.41 2.88 -5.39
N THR A 100 -15.16 3.25 -5.15
CA THR A 100 -14.10 3.05 -6.14
C THR A 100 -13.88 1.57 -6.41
N LEU A 101 -13.90 0.76 -5.35
CA LEU A 101 -13.75 -0.69 -5.49
C LEU A 101 -14.92 -1.26 -6.28
N LEU A 102 -16.11 -0.75 -6.00
CA LEU A 102 -17.28 -1.22 -6.72
C LEU A 102 -17.13 -0.90 -8.21
N ILE A 103 -16.65 0.29 -8.51
CA ILE A 103 -16.44 0.72 -9.89
C ILE A 103 -15.42 -0.17 -10.57
N SER A 104 -14.38 -0.52 -9.84
CA SER A 104 -13.32 -1.38 -10.33
C SER A 104 -13.83 -2.78 -10.69
N GLY A 105 -14.75 -3.30 -9.88
CA GLY A 105 -15.28 -4.64 -10.15
C GLY A 105 -16.02 -4.77 -11.48
N PHE A 106 -16.77 -3.73 -11.81
CA PHE A 106 -17.71 -3.67 -12.92
C PHE A 106 -17.00 -3.51 -14.26
N ILE A 107 -16.12 -2.50 -14.34
CA ILE A 107 -15.42 -2.24 -15.62
C ILE A 107 -14.53 -3.41 -15.98
N PHE A 108 -13.83 -3.94 -14.98
CA PHE A 108 -12.90 -5.02 -15.23
C PHE A 108 -13.64 -6.24 -15.75
N ASN A 109 -14.79 -6.53 -15.16
CA ASN A 109 -15.64 -7.61 -15.66
C ASN A 109 -16.13 -7.39 -17.08
N MET A 110 -16.62 -6.18 -17.37
CA MET A 110 -17.16 -5.87 -18.69
C MET A 110 -16.14 -5.88 -19.83
N VAL A 111 -14.94 -5.39 -19.57
CA VAL A 111 -13.93 -5.28 -20.63
C VAL A 111 -13.49 -6.65 -21.17
N LEU A 112 -13.34 -7.59 -20.23
CA LEU A 112 -13.08 -8.99 -20.54
C LEU A 112 -14.24 -9.64 -21.29
N ASN A 113 -15.46 -9.24 -20.91
CA ASN A 113 -16.70 -9.88 -21.35
C ASN A 113 -17.02 -11.09 -20.49
N LEU A 114 -16.26 -11.24 -19.41
CA LEU A 114 -16.48 -12.30 -18.43
C LEU A 114 -17.75 -12.06 -17.62
N PRO A 115 -18.59 -13.35 -16.73
CA PRO A 115 -19.85 -13.06 -16.00
C PRO A 115 -19.64 -12.16 -14.79
N TYR A 116 -20.64 -11.34 -14.49
CA TYR A 116 -20.54 -10.34 -13.42
C TYR A 116 -20.32 -10.97 -12.05
N THR A 117 -20.98 -12.09 -11.78
CA THR A 117 -20.78 -12.78 -10.51
C THR A 117 -19.33 -13.22 -10.44
N SER A 118 -18.82 -13.69 -11.58
CA SER A 118 -17.40 -14.00 -11.73
C SER A 118 -16.59 -13.07 -10.83
N PRO A 119 -15.55 -13.62 -10.22
CA PRO A 119 -14.85 -12.96 -9.11
C PRO A 119 -13.55 -12.28 -9.54
N VAL A 120 -13.02 -12.69 -10.70
CA VAL A 120 -11.76 -12.18 -11.21
C VAL A 120 -11.83 -10.67 -11.43
N GLY A 121 -12.92 -10.23 -12.03
CA GLY A 121 -13.17 -8.82 -12.28
C GLY A 121 -13.21 -8.03 -10.99
N TYR A 122 -13.90 -8.59 -10.00
CA TYR A 122 -14.07 -7.94 -8.72
C TYR A 122 -12.74 -7.88 -7.98
N LEU A 123 -11.86 -8.84 -8.25
CA LEU A 123 -10.50 -8.83 -7.70
C LEU A 123 -9.70 -7.69 -8.31
N PHE A 124 -9.75 -7.59 -9.64
CA PHE A 124 -9.04 -6.53 -10.34
C PHE A 124 -9.50 -5.18 -9.82
N GLY A 125 -10.81 -5.02 -9.72
CA GLY A 125 -11.39 -3.79 -9.20
C GLY A 125 -10.94 -3.55 -7.78
N ALA A 126 -10.84 -4.62 -6.99
CA ALA A 126 -10.40 -4.51 -5.61
C ALA A 126 -8.98 -3.97 -5.52
N ILE A 127 -8.12 -4.45 -6.42
CA ILE A 127 -6.72 -4.01 -6.46
C ILE A 127 -6.62 -2.52 -6.77
N THR A 128 -7.47 -2.04 -7.68
CA THR A 128 -7.47 -0.63 -8.04
C THR A 128 -7.84 0.26 -6.85
N ALA A 129 -8.82 -0.19 -6.07
CA ALA A 129 -9.34 0.59 -4.95
C ALA A 129 -8.34 0.88 -3.84
N ALA A 130 -7.28 -0.14 -3.76
CA ALA A 130 -6.36 -0.05 -2.63
C ALA A 130 -5.31 1.05 -2.79
N THR A 131 -5.05 1.75 -1.69
CA THR A 131 -4.05 2.81 -1.67
C THR A 131 -3.03 2.59 -0.55
N ASP A 132 -2.02 3.08 -2.02
CA ASP A 132 -1.03 2.89 -0.97
C ASP A 132 -0.17 4.14 -0.75
N PRO A 133 -0.08 4.57 0.50
CA PRO A 133 0.73 5.74 0.88
C PRO A 133 2.26 5.64 0.80
N ALA A 134 2.34 4.92 1.57
CA ALA A 134 3.71 4.84 2.11
C ALA A 134 4.82 5.08 1.11
N THR A 135 4.62 4.72 -0.14
CA THR A 135 5.65 4.94 -1.14
C THR A 135 5.76 6.35 -1.70
N LEU A 136 4.70 7.14 -1.61
CA LEU A 136 4.69 8.40 -2.34
C LEU A 136 4.04 9.57 -1.61
N ILE A 137 3.01 9.31 -0.83
CA ILE A 137 2.48 10.37 0.02
C ILE A 137 3.54 10.79 1.07
N PRO A 138 4.18 9.81 1.77
CA PRO A 138 5.24 10.24 2.69
C PRO A 138 6.45 10.79 1.97
N VAL A 139 6.84 10.23 0.83
CA VAL A 139 8.05 10.72 0.15
C VAL A 139 7.91 12.13 -0.42
N PHE A 140 6.74 12.52 -0.92
CA PHE A 140 6.63 13.90 -1.36
C PHE A 140 6.34 14.80 -0.15
N SER A 141 5.87 14.30 0.90
CA SER A 141 5.26 15.07 1.98
C SER A 141 6.33 15.43 3.00
N ARG A 142 7.58 15.13 2.66
CA ARG A 142 8.66 15.56 3.51
C ARG A 142 8.53 17.06 3.51
N VAL A 143 8.06 17.68 2.57
CA VAL A 143 8.09 19.13 2.45
C VAL A 143 6.64 19.58 2.31
N ARG A 144 6.39 20.67 2.71
CA ARG A 144 4.99 21.05 2.82
C ARG A 144 4.38 21.39 1.46
N THR A 145 2.27 20.97 3.34
CA THR A 145 1.42 21.20 2.17
C THR A 145 1.04 22.66 1.92
N ASN A 146 0.72 23.42 2.97
CA ASN A 146 0.68 22.94 4.35
C ASN A 146 -0.72 22.62 4.85
N PRO A 147 -1.76 22.70 3.91
CA PRO A 147 -3.10 22.57 4.50
C PRO A 147 -3.81 21.25 4.25
N GLU A 148 -4.23 20.63 5.35
CA GLU A 148 -5.23 19.56 5.37
C GLU A 148 -4.90 18.36 4.48
N VAL A 149 -4.64 18.38 3.87
CA VAL A 149 -4.37 17.45 2.78
C VAL A 149 -3.23 16.48 3.05
N ALA A 150 -2.14 16.96 3.61
CA ALA A 150 -1.04 16.06 3.97
C ALA A 150 -1.51 15.08 5.04
N ILE A 151 -2.20 15.62 6.04
CA ILE A 151 -2.72 14.80 7.13
C ILE A 151 -3.73 13.80 6.61
N THR A 152 -4.59 14.25 5.70
CA THR A 152 -5.60 13.39 5.12
C THR A 152 -4.95 12.26 4.34
N LEU A 153 -3.94 12.62 3.50
CA LEU A 153 -3.28 11.66 2.63
C LEU A 153 -2.68 10.54 3.46
N GLU A 154 -2.25 10.92 4.67
CA GLU A 154 -1.65 9.94 5.55
C GLU A 154 -2.73 9.01 6.07
N ALA A 155 -3.88 9.79 6.47
CA ALA A 155 -5.06 9.11 7.00
C ALA A 155 -5.66 8.20 5.94
N GLU A 156 -5.69 8.69 4.70
CA GLU A 156 -6.22 7.92 3.59
C GLU A 156 -5.40 6.66 3.35
N SER A 157 -4.13 6.90 3.60
CA SER A 157 -3.26 5.83 3.49
C SER A 157 -3.41 4.72 4.47
N ILE A 158 -3.41 5.09 5.55
CA ILE A 158 -3.57 4.21 6.70
C ILE A 158 -5.02 3.74 6.80
N PHE A 159 -5.95 4.66 6.59
CA PHE A 159 -7.37 4.34 6.62
C PHE A 159 -7.67 3.15 5.72
N ASN A 160 -7.05 3.15 4.54
CA ASN A 160 -7.17 2.03 3.62
C ASN A 160 -6.57 0.76 4.22
N ASP A 161 -5.44 0.93 4.91
CA ASP A 161 -4.69 -0.19 5.44
C ASP A 161 -5.70 -1.01 6.21
N PRO A 162 -6.64 -0.37 6.90
CA PRO A 162 -7.75 -1.18 7.43
C PRO A 162 -8.70 -1.58 6.32
N LEU A 163 -8.63 -0.87 5.19
CA LEU A 163 -9.49 -1.19 4.06
C LEU A 163 -8.90 -2.21 3.10
N GLY A 164 -7.61 -2.11 2.80
CA GLY A 164 -7.04 -3.03 1.83
C GLY A 164 -7.28 -4.47 2.26
N ILE A 165 -7.10 -4.74 3.55
CA ILE A 165 -7.34 -6.07 4.08
C ILE A 165 -8.80 -6.46 3.91
N VAL A 166 -9.70 -5.50 4.16
CA VAL A 166 -11.12 -5.78 3.99
C VAL A 166 -11.42 -6.12 2.53
N SER A 167 -10.80 -5.38 1.63
CA SER A 167 -10.99 -5.58 0.20
C SER A 167 -10.49 -6.97 -0.20
N THR A 168 -9.36 -7.37 0.36
CA THR A 168 -8.79 -8.69 0.07
C THR A 168 -9.76 -9.77 0.53
N SER A 169 -10.35 -9.59 1.71
CA SER A 169 -11.30 -10.57 2.21
C SER A 169 -12.51 -10.67 1.27
N VAL A 170 -12.98 -9.52 0.80
CA VAL A 170 -14.12 -9.50 -0.11
C VAL A 170 -13.77 -10.23 -1.41
N ILE A 171 -12.56 -10.01 -1.91
CA ILE A 171 -12.10 -10.65 -3.13
C ILE A 171 -12.05 -12.16 -2.95
N LEU A 172 -11.61 -12.58 -1.77
CA LEU A 172 -11.53 -13.99 -1.43
C LEU A 172 -12.92 -14.65 -1.41
N GLY A 173 -13.92 -13.93 -0.90
CA GLY A 173 -15.26 -14.49 -0.77
C GLY A 173 -16.00 -14.91 -2.03
N LEU A 174 -15.85 -14.11 -3.09
CA LEU A 174 -16.70 -14.09 -4.27
C LEU A 174 -16.01 -14.76 -5.46
N PHE A 175 -14.67 -14.71 -5.45
CA PHE A 175 -13.87 -15.42 -6.45
C PHE A 175 -13.75 -16.89 -6.12
N GLY A 176 -14.72 -17.38 -5.34
CA GLY A 176 -14.66 -18.68 -4.71
C GLY A 176 -14.05 -18.48 -3.33
N LEU A 177 -14.38 -19.35 -2.39
CA LEU A 177 -13.85 -19.23 -1.03
C LEU A 177 -13.23 -20.52 -0.52
N PHE A 178 -12.02 -20.42 0.04
CA PHE A 178 -11.42 -21.57 0.69
C PHE A 178 -12.29 -21.93 1.89
N SER A 179 -12.74 -20.90 2.60
CA SER A 179 -13.71 -21.06 3.68
C SER A 179 -14.90 -20.13 3.44
N SER A 180 -16.10 -20.70 3.47
CA SER A 180 -17.32 -19.91 3.26
C SER A 180 -17.96 -19.49 4.58
N SER A 181 -17.33 -19.86 5.69
CA SER A 181 -17.95 -19.71 7.00
C SER A 181 -18.27 -18.27 7.41
N ASN A 182 -17.34 -17.34 7.17
CA ASN A 182 -17.58 -15.95 7.57
C ASN A 182 -17.40 -14.90 6.48
N PRO A 183 -18.51 -14.07 6.25
CA PRO A 183 -18.22 -12.93 5.38
C PRO A 183 -18.14 -11.65 6.21
N LEU A 184 -18.19 -11.84 7.53
CA LEU A 184 -18.36 -10.75 8.50
C LEU A 184 -17.47 -10.83 9.73
N ILE A 185 -17.29 -12.03 10.29
CA ILE A 185 -16.41 -12.19 11.44
C ILE A 185 -14.98 -11.80 11.12
N ASP A 186 -14.52 -12.15 9.92
CA ASP A 186 -13.16 -11.86 9.50
C ASP A 186 -12.93 -10.34 9.43
N LEU A 187 -13.94 -9.60 8.99
CA LEU A 187 -13.85 -8.15 8.97
C LEU A 187 -13.68 -7.63 10.40
N ILE A 188 -14.46 -8.17 11.32
CA ILE A 188 -14.43 -7.71 12.71
C ILE A 188 -13.08 -7.97 13.37
N THR A 189 -12.80 -9.45 13.18
CA THR A 189 -11.65 -10.05 13.87
C THR A 189 -10.33 -9.37 13.50
N LEU A 190 -10.12 -9.09 12.21
CA LEU A 190 -8.87 -8.49 11.76
C LEU A 190 -8.76 -7.04 12.25
N ALA A 191 -9.76 -6.23 11.92
CA ALA A 191 -9.72 -4.82 12.28
C ALA A 191 -9.79 -4.65 13.79
N GLY A 192 -10.75 -5.30 14.42
CA GLY A 192 -10.95 -5.17 15.85
C GLY A 192 -9.75 -5.69 16.63
N GLY A 193 -9.24 -6.84 16.22
CA GLY A 193 -8.10 -7.44 16.87
C GLY A 193 -6.87 -6.56 16.73
N ALA A 194 -6.62 -6.06 15.53
CA ALA A 194 -5.48 -5.20 15.28
C ALA A 194 -5.57 -3.94 16.11
N ILE A 195 -6.79 -3.40 16.22
CA ILE A 195 -7.03 -2.20 17.03
C ILE A 195 -6.70 -2.48 18.49
N VAL A 196 -7.27 -3.76 19.01
CA VAL A 196 -7.09 -3.88 20.46
C VAL A 196 -5.62 -3.99 20.87
N VAL A 197 -4.91 -4.95 20.40
CA VAL A 197 -3.54 -5.21 20.82
C VAL A 197 -2.60 -4.07 20.41
N GLY A 198 -2.91 -3.44 19.29
CA GLY A 198 -2.13 -2.29 18.83
C GLY A 198 -2.20 -1.18 19.85
N LEU A 199 -3.41 -0.90 20.32
CA LEU A 199 -3.62 0.08 21.40
C LEU A 199 -2.98 -0.39 22.70
N LEU A 200 -2.98 -1.70 22.92
CA LEU A 200 -2.39 -2.27 24.13
C LEU A 200 -0.91 -1.94 24.22
N LEU A 201 -0.18 -2.22 23.15
CA LEU A 201 1.26 -1.92 23.12
C LEU A 201 1.51 -0.41 23.05
N ALA A 202 0.45 0.30 22.07
CA ALA A 202 0.81 1.72 22.10
C ALA A 202 0.72 2.36 23.49
N LYS A 203 -0.26 1.94 24.28
CA LYS A 203 -0.39 2.47 25.65
C LYS A 203 0.77 2.02 26.52
N ILE A 204 1.13 0.74 26.40
CA ILE A 204 2.23 0.17 27.16
C ILE A 204 3.51 0.89 26.80
N TYR A 205 3.73 1.09 25.51
CA TYR A 205 4.90 1.83 25.04
C TYR A 205 4.86 3.25 25.58
N GLU A 206 3.67 3.84 25.59
CA GLU A 206 3.49 5.21 26.02
C GLU A 206 3.96 5.40 27.45
N LYS A 207 3.53 4.50 28.33
CA LYS A 207 3.91 4.60 29.73
C LYS A 207 5.40 4.27 29.96
N ILE A 208 5.85 3.16 29.37
CA ILE A 208 7.21 2.68 29.61
C ILE A 208 8.26 3.67 29.08
N ILE A 209 7.96 4.33 27.96
CA ILE A 209 8.88 5.30 27.39
C ILE A 209 8.96 6.55 28.26
N ILE A 210 7.82 7.05 28.71
CA ILE A 210 7.77 8.25 29.53
C ILE A 210 8.42 8.07 30.90
N HIS A 211 8.29 6.88 31.49
CA HIS A 211 8.86 6.68 32.82
C HIS A 211 10.38 6.60 32.78
N CYS A 212 10.92 6.08 31.68
CA CYS A 212 12.37 5.90 31.55
C CYS A 212 12.86 6.53 30.25
N ASP A 213 14.80 3.41 30.98
CA ASP A 213 15.44 4.15 29.89
C ASP A 213 16.21 3.23 28.93
N PHE A 214 15.48 4.43 26.79
CA PHE A 214 16.12 3.34 26.05
C PHE A 214 17.23 3.83 25.13
N HIS A 215 14.85 5.98 24.66
CA HIS A 215 15.77 6.69 23.78
C HIS A 215 16.22 5.83 22.61
N GLU A 216 16.98 5.75 22.60
CA GLU A 216 17.59 5.07 21.46
C GLU A 216 17.12 3.62 21.31
N TYR A 217 16.86 2.96 22.44
CA TYR A 217 16.51 1.55 22.46
C TYR A 217 15.05 1.28 22.07
N VAL A 218 14.31 2.34 21.78
CA VAL A 218 12.91 2.20 21.41
C VAL A 218 12.77 1.55 20.02
N ALA A 219 13.81 1.69 19.20
CA ALA A 219 13.79 1.18 17.82
C ALA A 219 13.73 -0.37 17.76
N PRO A 220 14.58 -1.07 18.51
CA PRO A 220 14.44 -2.54 18.50
C PRO A 220 13.09 -3.00 19.02
N LEU A 221 12.53 -2.27 19.98
CA LEU A 221 11.29 -2.67 20.65
C LEU A 221 10.13 -2.82 19.68
N VAL A 222 9.89 -1.80 18.86
CA VAL A 222 8.83 -1.86 17.86
C VAL A 222 9.16 -2.77 16.70
N LEU A 223 10.42 -2.77 16.26
CA LEU A 223 10.85 -3.60 15.15
C LEU A 223 10.75 -5.07 15.52
N GLY A 224 11.05 -5.51 16.62
CA GLY A 224 10.78 -6.85 17.11
C GLY A 224 9.31 -7.00 17.46
N GLY A 225 8.76 -5.97 18.09
CA GLY A 225 7.37 -5.97 18.51
C GLY A 225 6.42 -6.05 17.34
N ALA A 226 6.75 -5.33 16.27
CA ALA A 226 5.97 -5.40 15.04
C ALA A 226 6.08 -6.78 14.43
N MET A 227 7.26 -7.37 14.55
CA MET A 227 7.53 -8.71 14.02
C MET A 227 6.64 -9.75 14.70
N LEU A 228 6.46 -9.61 16.01
CA LEU A 228 5.63 -10.55 16.77
C LEU A 228 4.17 -10.45 16.35
N LEU A 229 3.75 -9.24 16.00
CA LEU A 229 2.36 -8.99 15.62
C LEU A 229 1.97 -9.78 14.37
N LEU A 230 2.91 -9.87 13.42
CA LEU A 230 2.71 -10.69 12.22
C LEU A 230 2.61 -12.18 12.58
N TYR A 231 3.51 -12.64 13.43
CA TYR A 231 3.53 -14.05 13.84
C TYR A 231 2.26 -14.44 14.57
N VAL A 232 1.85 -13.61 15.52
CA VAL A 232 0.61 -13.84 16.25
C VAL A 232 -0.60 -13.77 15.32
N GLY A 233 -0.60 -12.78 14.43
CA GLY A 233 -1.73 -12.52 13.55
C GLY A 233 -1.99 -13.51 12.43
N ASP A 234 -0.96 -13.82 11.65
CA ASP A 234 -1.15 -14.59 10.42
C ASP A 234 -0.59 -16.01 10.47
N ASP A 235 -0.08 -16.41 11.64
CA ASP A 235 0.45 -17.76 11.80
C ASP A 235 -0.09 -18.43 13.06
N LEU A 236 0.19 -17.84 14.22
CA LEU A 236 -0.19 -18.45 15.50
C LEU A 236 -1.69 -18.59 15.67
N LEU A 237 -2.41 -17.46 15.60
CA LEU A 237 -3.85 -17.49 15.86
C LEU A 237 -4.67 -18.24 14.80
N PRO A 238 -4.28 -18.14 13.51
CA PRO A 238 -4.95 -19.01 12.53
C PRO A 238 -4.71 -20.50 12.82
N SER A 239 -3.52 -20.83 13.30
CA SER A 239 -3.18 -22.20 13.62
C SER A 239 -3.99 -22.70 14.81
N ILE A 240 -4.09 -21.85 15.83
CA ILE A 240 -4.77 -22.20 17.07
C ILE A 240 -6.27 -21.89 17.00
N CYS A 241 -6.76 -21.51 15.82
CA CYS A 241 -8.18 -21.12 15.70
C CYS A 241 -8.72 -21.02 14.27
N GLY A 242 -7.90 -20.53 13.33
CA GLY A 242 -8.39 -20.25 11.99
C GLY A 242 -8.93 -18.84 11.98
N TYR A 243 -8.14 -18.66 14.00
CA TYR A 243 -8.65 -17.33 14.26
C TYR A 243 -7.50 -16.34 14.29
N GLY A 244 -7.42 -15.48 13.27
CA GLY A 244 -6.32 -14.53 13.19
C GLY A 244 -6.73 -13.08 13.27
N PHE A 245 -5.77 -12.21 13.61
CA PHE A 245 -6.02 -10.78 13.66
C PHE A 245 -5.18 -9.93 12.71
N SER A 246 -4.41 -10.57 11.84
CA SER A 246 -3.54 -9.90 10.86
C SER A 246 -2.41 -9.10 11.52
N GLY A 247 -2.22 -9.04 11.12
CA GLY A 247 -1.04 -8.37 11.65
C GLY A 247 -0.78 -6.96 11.14
N TYR A 248 -0.93 -6.77 9.84
CA TYR A 248 -0.56 -5.52 9.19
C TYR A 248 -1.37 -4.33 9.71
N MET A 249 -2.68 -4.50 9.77
CA MET A 249 -3.54 -3.46 10.31
C MET A 249 -3.16 -3.20 11.76
N ALA A 250 -2.80 -4.26 12.48
CA ALA A 250 -2.45 -4.14 13.89
C ALA A 250 -1.21 -3.27 14.09
N VAL A 251 -0.17 -3.51 13.28
CA VAL A 251 1.04 -2.70 13.39
C VAL A 251 0.78 -1.28 12.92
N ALA A 252 -0.10 -1.10 12.00
CA ALA A 252 -0.48 0.21 11.49
C ALA A 252 -1.15 1.04 12.57
N ILE A 253 -2.07 0.41 13.29
CA ILE A 253 -2.76 1.05 14.40
C ILE A 253 -1.80 1.39 15.52
N MET A 254 -0.86 0.48 15.79
CA MET A 254 0.12 0.70 16.85
C MET A 254 0.98 1.91 16.53
N GLY A 255 1.42 2.00 15.28
CA GLY A 255 2.22 3.13 14.84
C GLY A 255 1.44 4.43 14.87
N LEU A 256 0.18 4.35 14.46
CA LEU A 256 -0.69 5.51 14.40
C LEU A 256 -0.93 6.09 15.79
N TYR A 257 -1.27 5.23 16.74
CA TYR A 257 -1.51 5.66 18.11
C TYR A 257 -0.21 6.12 18.77
N LEU A 258 0.84 5.32 18.63
CA LEU A 258 2.11 5.56 19.31
C LEU A 258 2.79 6.86 18.86
N GLY A 259 2.75 7.13 17.56
CA GLY A 259 3.34 8.35 17.04
C GLY A 259 2.71 9.56 17.66
N ASP A 260 1.38 9.51 17.76
CA ASP A 260 0.60 10.59 18.35
C ASP A 260 0.84 10.72 19.84
N ALA A 261 0.87 9.57 20.53
CA ALA A 261 1.05 9.55 21.96
C ALA A 261 2.42 10.13 22.30
N LEU A 262 3.41 9.81 21.49
CA LEU A 262 4.74 10.34 21.67
C LEU A 262 4.78 11.84 21.39
N PHE A 263 4.27 12.21 20.22
CA PHE A 263 4.21 13.61 19.80
C PHE A 263 3.33 14.46 20.72
N ARG A 264 2.23 13.87 21.17
CA ARG A 264 1.28 14.58 22.02
C ARG A 264 1.93 15.02 23.32
N ALA A 265 2.75 14.13 23.88
CA ALA A 265 3.47 14.38 25.12
C ALA A 265 4.47 15.53 25.03
N ASP A 266 5.19 15.59 23.91
CA ASP A 266 6.23 16.60 23.72
C ASP A 266 7.50 16.23 24.49
N ASP A 267 8.36 17.22 24.71
CA ASP A 267 9.62 17.04 25.44
C ASP A 267 10.77 16.56 24.55
N ILE A 268 11.93 16.35 25.16
CA ILE A 268 13.16 16.03 24.44
C ILE A 268 13.09 14.70 23.67
N ASP A 269 12.50 13.69 24.27
CA ASP A 269 12.39 12.39 23.62
C ASP A 269 11.50 12.50 22.39
N TYR A 270 11.92 13.44 20.16
CA TYR A 270 11.14 13.46 18.93
C TYR A 270 12.04 13.72 17.72
N LYS A 271 12.99 14.63 17.86
CA LYS A 271 13.98 14.87 16.82
C LYS A 271 14.87 13.63 16.71
N TYR A 272 15.29 13.29 15.50
CA TYR A 272 16.07 12.07 15.32
C TYR A 272 15.19 11.01 14.68
N ILE A 273 13.96 10.90 15.18
CA ILE A 273 13.01 9.93 14.68
C ILE A 273 12.66 10.25 13.23
N VAL A 274 12.44 11.53 12.90
CA VAL A 274 12.08 11.84 11.52
C VAL A 274 13.20 11.49 10.55
N SER A 275 14.44 11.84 10.90
CA SER A 275 15.56 11.53 10.01
C SER A 275 15.82 10.02 9.88
N PHE A 276 15.72 9.33 11.01
CA PHE A 276 15.94 7.89 11.08
C PHE A 276 14.92 7.14 10.24
N CYS A 277 13.66 7.47 10.46
CA CYS A 277 12.58 6.79 9.75
C CYS A 277 12.66 7.11 8.25
N ASP A 278 13.02 8.34 7.90
CA ASP A 278 13.11 8.66 6.47
C ASP A 278 14.21 7.83 5.77
N ASP A 279 15.38 7.75 6.41
CA ASP A 279 16.48 6.97 5.87
C ASP A 279 16.13 5.49 5.77
N LEU A 280 15.49 4.95 6.81
CA LEU A 280 15.12 3.54 6.87
C LEU A 280 14.08 3.20 5.79
N SER A 281 13.05 4.05 5.73
CA SER A 281 11.96 3.87 4.77
C SER A 281 12.44 3.97 3.34
N LEU A 282 13.52 4.70 3.09
CA LEU A 282 14.06 4.75 1.72
C LEU A 282 14.59 3.35 1.33
N LEU A 283 15.36 2.69 1.85
CA LEU A 283 16.00 1.48 1.33
C LEU A 283 14.92 0.49 0.96
N ALA A 284 13.95 0.33 1.86
CA ALA A 284 12.88 -0.62 1.64
C ALA A 284 12.04 -0.30 0.41
N ARG A 285 11.71 0.97 0.20
CA ARG A 285 10.89 1.35 -0.94
C ARG A 285 11.65 1.07 -2.25
N VAL A 286 12.99 1.56 -2.28
CA VAL A 286 13.71 1.20 -3.50
C VAL A 286 13.71 -0.30 -3.73
N PHE A 287 14.07 -1.07 -2.70
CA PHE A 287 14.16 -2.52 -2.85
C PHE A 287 12.81 -3.14 -3.16
N ILE A 288 11.77 -2.64 -2.49
CA ILE A 288 10.43 -3.18 -2.66
C ILE A 288 9.95 -2.95 -4.08
N PHE A 289 10.27 -1.48 -4.63
CA PHE A 289 9.65 -1.46 -5.95
C PHE A 289 10.30 -2.47 -6.91
N VAL A 290 11.62 -2.51 -6.93
CA VAL A 290 12.30 -3.44 -7.84
C VAL A 290 11.95 -4.90 -7.51
N PHE A 291 11.95 -5.23 -6.22
CA PHE A 291 11.61 -6.60 -5.82
C PHE A 291 10.14 -6.91 -6.07
N LEU A 292 9.26 -5.92 -5.95
CA LEU A 292 7.87 -6.13 -6.31
C LEU A 292 7.79 -6.51 -7.79
N GLY A 293 8.61 -5.85 -8.60
CA GLY A 293 8.68 -6.16 -10.01
C GLY A 293 9.21 -7.55 -10.31
N ALA A 294 10.24 -7.97 -9.58
CA ALA A 294 10.89 -9.25 -9.84
C ALA A 294 10.11 -10.45 -9.31
N CYS A 295 9.20 -10.20 -8.38
CA CYS A 295 8.35 -11.25 -7.81
C CYS A 295 7.45 -11.89 -8.86
N ILE A 296 6.95 -11.08 -9.80
CA ILE A 296 6.05 -11.58 -10.84
C ILE A 296 6.74 -12.59 -11.75
N LYS A 297 5.99 -13.61 -12.16
CA LYS A 297 6.52 -14.69 -13.00
C LYS A 297 6.94 -14.19 -14.38
N LEU A 298 8.03 -14.75 -14.89
CA LEU A 298 8.55 -14.37 -16.20
C LEU A 298 7.62 -14.77 -17.35
N SER A 299 6.93 -13.44 -18.47
CA SER A 299 6.12 -13.60 -19.68
C SER A 299 4.67 -13.19 -19.42
N MET A 300 4.63 -11.63 -19.12
CA MET A 300 3.33 -11.04 -18.80
C MET A 300 3.13 -9.72 -19.53
N LEU A 301 1.76 -11.22 -19.91
CA LEU A 301 1.91 -9.82 -20.31
C LEU A 301 1.48 -9.47 -21.72
N GLU A 302 1.72 -10.11 -22.76
CA GLU A 302 1.42 -9.81 -24.15
C GLU A 302 -0.08 -9.79 -24.39
N ASN A 303 -0.79 -10.78 -23.84
CA ASN A 303 -2.23 -10.88 -24.02
C ASN A 303 -3.02 -9.80 -23.28
N TYR A 304 -2.64 -9.49 -22.04
CA TYR A 304 -3.44 -8.60 -21.22
C TYR A 304 -2.84 -7.20 -21.06
N PHE A 305 -1.89 -6.85 -21.92
CA PHE A 305 -1.32 -5.50 -21.90
C PHE A 305 -2.39 -4.45 -22.12
N ILE A 306 -3.17 -4.60 -23.18
CA ILE A 306 -4.17 -3.62 -23.57
C ILE A 306 -5.31 -3.48 -22.55
N PRO A 307 -5.89 -4.61 -22.07
CA PRO A 307 -6.98 -4.41 -21.12
C PRO A 307 -6.56 -3.73 -19.82
N GLY A 308 -5.45 -4.18 -19.22
CA GLY A 308 -4.97 -3.61 -17.97
C GLY A 308 -4.72 -2.13 -18.11
N LEU A 309 -4.22 -1.72 -19.28
CA LEU A 309 -4.02 -0.32 -19.59
C LEU A 309 -5.37 0.40 -19.56
N LEU A 310 -6.35 -0.21 -20.21
CA LEU A 310 -7.70 0.33 -20.27
C LEU A 310 -8.39 0.32 -18.91
N VAL A 311 -8.14 -0.73 -18.14
CA VAL A 311 -8.68 -0.81 -16.78
C VAL A 311 -8.08 0.29 -15.92
N ALA A 312 -6.79 0.54 -16.11
CA ALA A 312 -6.07 1.53 -15.34
C ALA A 312 -6.68 2.92 -15.56
N LEU A 313 -6.89 3.28 -16.81
CA LEU A 313 -7.42 4.59 -17.17
C LEU A 313 -8.80 4.82 -16.55
N GLY A 314 -9.59 3.76 -16.45
CA GLY A 314 -10.88 3.85 -15.81
C GLY A 314 -10.75 4.19 -14.34
N SER A 315 -9.78 3.57 -13.68
CA SER A 315 -9.54 3.81 -12.26
C SER A 315 -9.02 5.21 -12.00
N ILE A 316 -8.06 5.65 -12.81
CA ILE A 316 -7.44 6.96 -12.64
C ILE A 316 -8.39 8.11 -12.98
N PHE A 317 -9.07 8.00 -14.12
CA PHE A 317 -9.83 9.12 -14.66
C PHE A 317 -11.33 9.07 -14.33
N LEU A 318 -11.90 7.87 -14.32
CA LEU A 318 -13.34 7.73 -14.04
C LEU A 318 -13.65 7.37 -12.59
N ALA A 319 -12.89 6.10 -12.12
CA ALA A 319 -13.38 5.77 -10.80
C ALA A 319 -12.87 6.72 -9.72
N ARG A 320 -11.56 6.94 -9.66
CA ARG A 320 -11.00 7.93 -8.74
C ARG A 320 -11.75 9.29 -8.74
N PRO A 321 -11.74 9.97 -9.88
CA PRO A 321 -12.28 11.33 -10.00
C PRO A 321 -13.79 11.42 -9.69
N LEU A 322 -14.57 10.46 -10.15
CA LEU A 322 -15.98 10.43 -9.79
C LEU A 322 -16.10 10.31 -8.27
N GLY A 323 -15.20 9.53 -7.68
CA GLY A 323 -15.21 9.35 -6.24
C GLY A 323 -14.99 10.64 -5.46
N VAL A 324 -13.98 11.43 -5.84
CA VAL A 324 -13.70 12.68 -5.15
C VAL A 324 -14.77 13.74 -5.44
N PHE A 325 -15.21 13.82 -6.69
CA PHE A 325 -16.22 14.79 -7.09
C PHE A 325 -17.57 14.46 -6.45
N LEU A 326 -17.83 13.17 -6.24
CA LEU A 326 -19.08 12.73 -5.64
C LEU A 326 -18.89 12.39 -4.17
N GLY A 327 -17.71 12.68 -3.64
CA GLY A 327 -17.41 12.41 -2.24
C GLY A 327 -17.11 13.66 -1.46
N LEU A 328 -16.84 14.75 -2.17
CA LEU A 328 -16.55 16.03 -1.54
C LEU A 328 -17.66 17.06 -1.70
N ILE A 329 -18.41 16.94 -2.80
CA ILE A 329 -19.47 17.86 -3.24
C ILE A 329 -19.97 18.97 -2.28
N GLY A 330 -19.91 18.70 -0.99
CA GLY A 330 -20.34 19.64 0.04
C GLY A 330 -19.24 20.59 0.48
N SER A 331 -18.04 20.40 -0.09
CA SER A 331 -16.91 21.25 0.25
C SER A 331 -17.30 22.72 0.26
N LYS A 332 -15.84 23.80 0.09
CA LYS A 332 -16.14 25.23 0.06
C LYS A 332 -16.21 25.76 -1.36
N HIS A 333 -14.74 24.68 0.13
CA HIS A 333 -14.65 25.28 -1.20
C HIS A 333 -14.73 24.20 -2.28
N SER A 334 -12.19 24.67 -2.75
CA SER A 334 -12.55 23.81 -3.88
C SER A 334 -11.53 23.91 -5.01
N PHE A 335 -11.83 23.26 -6.13
CA PHE A 335 -10.94 23.28 -7.28
C PHE A 335 -9.48 23.06 -6.86
N LYS A 336 -9.29 22.28 -5.81
CA LYS A 336 -7.95 21.99 -5.30
C LYS A 336 -7.95 20.72 -4.46
N GLU A 337 -9.09 20.39 -3.87
CA GLU A 337 -9.23 19.20 -3.03
C GLU A 337 -10.00 18.11 -3.76
N LYS A 338 -11.09 18.51 -4.42
CA LYS A 338 -11.90 17.57 -5.18
C LYS A 338 -11.08 16.96 -6.30
N LEU A 339 -10.25 17.80 -6.93
CA LEU A 339 -9.35 17.34 -7.98
C LEU A 339 -8.31 16.38 -7.40
N TYR A 340 -7.88 16.64 -6.18
CA TYR A 340 -6.93 15.76 -5.50
C TYR A 340 -7.56 14.40 -5.22
N PHE A 341 -8.83 14.38 -4.86
CA PHE A 341 -9.51 13.11 -4.64
C PHE A 341 -9.42 12.31 -5.92
N ALA A 342 -9.63 12.99 -7.05
CA ALA A 342 -9.39 12.40 -8.36
C ALA A 342 -7.88 12.25 -8.58
N LEU A 343 -7.50 11.49 -9.58
CA LEU A 343 -6.09 11.27 -9.89
C LEU A 343 -5.50 10.12 -9.07
N GLU A 344 -6.25 9.69 -8.05
CA GLU A 344 -5.82 8.60 -7.19
C GLU A 344 -4.73 7.77 -7.86
N GLY A 345 -4.50 6.57 -7.33
CA GLY A 345 -3.49 5.67 -7.86
C GLY A 345 -2.17 5.79 -7.14
N PRO A 346 -2.24 5.95 -5.75
CA PRO A 346 -0.94 6.06 -5.10
C PRO A 346 -0.52 4.75 -4.45
N ARG A 347 -1.47 4.03 -3.88
CA ARG A 347 -1.20 2.75 -3.22
C ARG A 347 -0.42 1.82 -4.14
N GLY A 348 0.38 0.94 -3.55
CA GLY A 348 1.18 0.00 -4.30
C GLY A 348 1.99 -0.92 -3.41
N VAL A 349 1.81 -0.78 -2.11
CA VAL A 349 2.54 -1.59 -1.15
C VAL A 349 1.71 -2.81 -0.73
N VAL A 350 0.42 -2.59 -0.53
CA VAL A 350 -0.48 -3.67 -0.13
C VAL A 350 -0.90 -4.52 -1.33
N PRO A 351 -1.88 -4.03 -2.07
CA PRO A 351 -2.39 -4.74 -3.25
C PRO A 351 -1.29 -5.45 -4.04
N ALA A 352 0.02 -4.85 -3.95
CA ALA A 352 1.03 -5.52 -4.76
C ALA A 352 1.27 -6.96 -4.31
N ALA A 353 1.55 -7.10 -3.02
CA ALA A 353 1.85 -8.40 -2.44
C ALA A 353 0.63 -9.30 -2.58
N LEU A 354 -0.55 -8.64 -2.29
CA LEU A 354 -1.82 -9.34 -2.35
C LEU A 354 -2.09 -9.80 -3.78
N ALA A 355 -1.69 -8.98 -4.76
CA ALA A 355 -1.93 -9.32 -6.16
C ALA A 355 -1.17 -10.58 -6.55
N VAL A 356 0.15 -10.51 -6.16
CA VAL A 356 1.05 -11.63 -6.42
C VAL A 356 0.71 -12.83 -5.55
N THR A 357 0.39 -12.59 -4.28
CA THR A 357 0.05 -13.68 -3.35
C THR A 357 -1.20 -14.44 -3.78
N VAL A 358 -2.21 -13.70 -4.21
CA VAL A 358 -3.41 -14.30 -4.77
C VAL A 358 -3.04 -15.02 -6.06
N GLY A 359 -2.14 -14.41 -6.83
CA GLY A 359 -1.75 -14.99 -8.10
C GLY A 359 -1.17 -16.39 -7.90
N ILE A 360 -0.21 -16.53 -6.99
CA ILE A 360 0.35 -17.85 -6.70
C ILE A 360 -0.70 -18.76 -6.07
N GLU A 361 -1.55 -18.18 -5.21
CA GLU A 361 -2.48 -18.97 -4.42
C GLU A 361 -3.53 -19.66 -5.29
N ILE A 362 -4.12 -18.91 -6.21
CA ILE A 362 -5.10 -19.47 -7.12
C ILE A 362 -4.46 -20.22 -8.30
N LEU A 363 -3.37 -19.68 -8.86
CA LEU A 363 -2.79 -20.29 -10.06
C LEU A 363 -2.13 -21.64 -9.75
N LYS A 364 -1.39 -21.71 -8.65
CA LYS A 364 -0.71 -22.94 -8.25
C LYS A 364 -1.69 -23.99 -7.78
N ASN A 365 -2.54 -23.62 -6.82
CA ASN A 365 -3.54 -24.53 -6.28
C ASN A 365 -4.67 -24.80 -7.26
N ALA A 366 -4.60 -24.15 -8.41
CA ALA A 366 -5.62 -24.32 -9.44
C ALA A 366 -5.80 -25.79 -9.82
N ASP A 367 -4.70 -26.42 -10.23
CA ASP A 367 -4.72 -27.83 -10.62
C ASP A 367 -5.11 -28.72 -9.45
N LYS A 368 -4.74 -28.31 -8.24
CA LYS A 368 -5.05 -29.07 -7.04
C LYS A 368 -6.49 -28.82 -6.58
N ILE A 369 -6.92 -27.56 -6.67
CA ILE A 369 -8.27 -27.18 -6.27
C ILE A 369 -8.53 -25.71 -6.54
N PRO A 370 -9.19 -25.42 -7.75
CA PRO A 370 -9.41 -23.99 -7.96
C PRO A 370 -10.85 -23.59 -7.63
N ALA A 371 -11.37 -24.10 -6.53
CA ALA A 371 -12.74 -23.81 -6.10
C ALA A 371 -13.71 -23.87 -7.28
N SER A 372 -13.20 -24.31 -8.43
CA SER A 372 -14.02 -24.43 -9.63
C SER A 372 -14.90 -23.19 -9.81
N ILE A 373 -14.28 -22.05 -10.05
CA ILE A 373 -15.01 -20.80 -10.24
C ILE A 373 -14.20 -19.81 -11.07
N THR A 374 -14.69 -19.53 -12.28
CA THR A 374 -14.01 -18.59 -13.17
C THR A 374 -12.80 -19.24 -13.83
N LYS A 375 -12.84 -20.56 -13.97
CA LYS A 375 -11.74 -21.29 -14.60
C LYS A 375 -11.68 -21.13 -16.12
N TYR A 376 -12.85 -21.13 -16.75
CA TYR A 376 -12.95 -21.07 -18.21
C TYR A 376 -13.06 -19.64 -18.73
N ILE A 377 -13.02 -18.67 -17.81
CA ILE A 377 -13.28 -17.28 -18.17
C ILE A 377 -12.29 -16.64 -19.16
N THR A 378 -10.99 -16.90 -19.01
CA THR A 378 -10.44 -17.84 -18.05
C THR A 378 -9.44 -17.12 -17.14
N PRO A 379 -9.20 -17.72 -15.89
CA PRO A 379 -8.35 -16.89 -15.01
C PRO A 379 -6.95 -16.65 -15.53
N THR A 380 -6.32 -17.67 -16.12
CA THR A 380 -4.94 -17.55 -16.54
C THR A 380 -4.56 -16.09 -16.73
N ASP A 381 -5.49 -15.32 -17.27
CA ASP A 381 -5.29 -13.88 -17.50
C ASP A 381 -5.62 -12.99 -16.31
N ILE A 382 -6.39 -13.48 -15.34
CA ILE A 382 -6.67 -12.69 -14.14
C ILE A 382 -5.38 -12.42 -13.38
N ALA A 383 -4.66 -13.49 -13.12
CA ALA A 383 -3.40 -13.40 -12.39
C ALA A 383 -2.43 -12.53 -13.18
N GLY A 384 -2.36 -12.75 -14.48
CA GLY A 384 -1.47 -12.00 -15.35
C GLY A 384 -1.78 -10.51 -15.35
N THR A 385 -3.05 -10.17 -15.47
CA THR A 385 -3.47 -8.78 -15.56
C THR A 385 -3.15 -8.08 -14.24
N ILE A 386 -3.58 -8.53 -13.16
CA ILE A 386 -3.49 -7.81 -11.89
C ILE A 386 -2.11 -7.18 -11.74
N ILE A 387 -1.08 -7.96 -12.00
CA ILE A 387 0.30 -7.51 -11.84
C ILE A 387 0.65 -6.33 -12.76
N ILE A 388 0.32 -6.44 -14.05
CA ILE A 388 0.60 -5.33 -14.97
C ILE A 388 -0.21 -4.09 -14.62
N GLY A 389 -1.48 -4.30 -14.28
CA GLY A 389 -2.36 -3.21 -13.91
C GLY A 389 -1.82 -2.44 -12.73
N THR A 390 -1.26 -3.19 -11.77
CA THR A 390 -0.66 -2.56 -10.61
C THR A 390 0.67 -1.91 -10.94
N PHE A 391 1.39 -2.49 -11.91
CA PHE A 391 2.68 -1.92 -12.30
C PHE A 391 2.46 -0.52 -12.86
N MET A 392 1.35 -0.78 -13.96
CA MET A 392 0.85 0.35 -14.71
C MET A 392 0.06 1.33 -13.83
N THR A 393 -0.10 0.64 -12.99
CA THR A 393 -0.89 1.47 -12.09
C THR A 393 0.01 2.41 -11.30
N ILE A 394 1.09 1.86 -10.75
CA ILE A 394 2.05 2.65 -9.98
C ILE A 394 2.67 3.71 -10.88
N LEU A 395 3.09 3.25 -12.10
CA LEU A 395 3.88 4.12 -12.96
C LEU A 395 3.12 5.40 -13.30
N LEU A 396 1.91 5.24 -13.83
CA LEU A 396 1.13 6.39 -14.25
C LEU A 396 0.60 7.20 -13.07
N SER A 397 0.12 6.61 -12.05
CA SER A 397 -0.29 7.31 -10.83
C SER A 397 0.91 8.05 -10.24
N VAL A 398 2.01 7.34 -10.11
CA VAL A 398 3.22 7.94 -9.55
C VAL A 398 3.78 9.04 -10.44
N ILE A 399 3.87 8.78 -11.74
CA ILE A 399 4.44 9.78 -12.66
C ILE A 399 3.60 11.06 -12.70
N LEU A 400 2.29 10.91 -12.88
CA LEU A 400 1.41 12.07 -12.95
C LEU A 400 1.36 12.85 -11.64
N GLU A 401 1.24 12.14 -10.52
CA GLU A 401 1.15 12.81 -9.23
C GLU A 401 2.45 13.57 -8.98
N ALA A 402 3.57 12.91 -9.25
CA ALA A 402 4.88 13.53 -9.06
C ALA A 402 5.06 14.77 -9.94
N SER A 403 4.55 14.70 -11.16
CA SER A 403 4.70 15.83 -12.08
C SER A 403 3.90 17.07 -11.66
N TRP A 404 2.67 16.87 -11.16
CA TRP A 404 1.80 18.03 -10.91
C TRP A 404 1.66 18.41 -9.42
N ALA A 405 2.38 17.71 -8.55
CA ALA A 405 2.22 17.88 -7.11
C ALA A 405 2.56 19.30 -6.63
N GLY A 406 3.65 19.85 -7.15
CA GLY A 406 4.06 21.20 -6.79
C GLY A 406 3.04 22.21 -7.26
N MET A 407 2.56 22.03 -8.49
CA MET A 407 1.57 22.92 -9.07
C MET A 407 0.28 22.90 -8.25
N LEU A 408 0.00 21.75 -7.64
CA LEU A 408 -1.28 21.58 -7.00
C LEU A 408 -1.11 21.86 -5.51
N ALA A 409 0.13 22.08 -5.11
CA ALA A 409 0.44 22.37 -3.70
C ALA A 409 0.44 23.86 -3.43
N LEU A 410 1.09 24.62 -4.31
CA LEU A 410 1.17 26.07 -4.17
C LEU A 410 0.21 26.77 -5.14
N LYS A 411 0.26 26.38 -6.40
CA LYS A 411 -0.60 26.97 -7.42
C LYS A 411 -2.03 27.10 -6.92
N LEU A 412 -2.40 26.28 -5.96
CA LEU A 412 -3.74 26.30 -5.39
C LEU A 412 -3.74 26.86 -3.98
N LEU A 413 -3.18 28.05 -3.81
CA LEU A 413 -3.10 28.69 -2.51
C LEU A 413 -4.49 29.01 -1.97
N GLY A 414 -5.51 28.42 -2.60
CA GLY A 414 -6.89 28.64 -2.19
C GLY A 414 -7.38 30.04 -2.54
N GLU A 415 -6.48 30.89 -3.00
CA GLU A 415 -6.83 32.24 -3.39
C GLU A 415 -7.72 32.89 -2.34
N TYR A 416 -7.57 32.47 -1.09
CA TYR A 416 -8.37 33.01 0.00
C TYR A 416 -7.77 34.30 0.54
N LYS A 417 -8.46 35.41 0.30
CA LYS A 417 -7.99 36.71 0.77
C LYS A 417 -8.94 37.30 1.80
N PRO A 418 -8.63 37.02 3.14
CA PRO A 418 -9.57 37.61 4.10
C PRO A 418 -9.02 38.88 4.73
N LYS A 419 -9.81 39.95 4.71
CA LYS A 419 -9.39 41.23 5.28
C LYS A 419 -10.58 41.99 5.86
#